data_8C17
#
_entry.id   8C17
#
_cell.length_a   54.468
_cell.length_b   54.468
_cell.length_c   166.429
_cell.angle_alpha   90
_cell.angle_beta   90
_cell.angle_gamma   120
#
_symmetry.space_group_name_H-M   'P 31 2 1'
#
loop_
_entity.id
_entity.type
_entity.pdbx_description
1 polymer 'Transcriptional enhancer factor TEF-3'
2 polymer 'Stapled peptide'
3 non-polymer GLYCEROL
4 non-polymer 'MYRISTIC ACID'
5 water water
#
loop_
_entity_poly.entity_id
_entity_poly.type
_entity_poly.pdbx_seq_one_letter_code
_entity_poly.pdbx_strand_id
1 'polypeptide(L)'
;GPRSVASSKLWMLEFSAFLEQQQDPDTYNKHLFVHIGQSSPSYSDPYLEAVDIRQIYDKFPEKKGGLKDLFERGPSNAFF
LVKFWADLNTNIEDEGSSFYGVSSQYESPENMIITCSTKVCSFGKQVVEKVETEYARYENGHYSYRIHRSPLCEYMINFI
HKLKHLPEKYMMNSVLENFTILQVVTNRDTQETLLCIAYVFEVSASEHGAQHHIYRLVKE
;
A
2 'polypeptide(L)' (ACY)FSP(NAL)DFH(T79)DI(NAL)CDV(NAL)RG(NH2) B
#
loop_
_chem_comp.id
_chem_comp.type
_chem_comp.name
_chem_comp.formula
ACY non-polymer 'ACETIC ACID' 'C2 H4 O2'
GOL non-polymer GLYCEROL 'C3 H8 O3'
MYR non-polymer 'MYRISTIC ACID' 'C14 H28 O2'
NH2 non-polymer 'AMINO GROUP' 'H2 N'
#
# COMPACT_ATOMS: atom_id res chain seq x y z
N GLY A 1 4.29 9.83 18.41
CA GLY A 1 4.78 11.04 17.76
C GLY A 1 4.86 10.90 16.25
N PRO A 2 5.32 11.95 15.56
CA PRO A 2 5.44 11.87 14.09
C PRO A 2 6.44 10.83 13.63
N ARG A 3 6.14 10.18 12.50
CA ARG A 3 6.99 9.15 11.90
C ARG A 3 7.11 9.40 10.43
N SER A 4 8.31 9.18 9.87
CA SER A 4 8.49 9.29 8.43
C SER A 4 8.79 7.92 7.87
N VAL A 5 8.16 7.54 6.76
CA VAL A 5 8.46 6.26 6.12
C VAL A 5 9.70 6.57 5.31
N ALA A 6 10.87 6.49 5.97
CA ALA A 6 12.10 6.88 5.35
C ALA A 6 13.28 6.12 5.87
N SER A 7 14.17 5.74 4.95
CA SER A 7 15.43 5.10 5.24
C SER A 7 16.53 6.18 5.09
N SER A 8 17.81 5.80 5.11
CA SER A 8 18.90 6.77 4.92
C SER A 8 18.91 7.36 3.49
N LYS A 9 18.30 6.67 2.50
CA LYS A 9 18.36 7.10 1.11
C LYS A 9 17.06 7.53 0.47
N LEU A 10 15.90 7.17 1.02
CA LEU A 10 14.62 7.47 0.36
C LEU A 10 13.50 7.68 1.36
N TRP A 11 12.66 8.66 1.09
CA TRP A 11 11.54 8.99 1.97
C TRP A 11 10.24 8.97 1.16
N MET A 12 9.20 8.26 1.65
CA MET A 12 7.91 8.29 0.98
C MET A 12 7.04 9.36 1.62
N LEU A 13 6.94 10.50 0.93
CA LEU A 13 6.16 11.66 1.35
C LEU A 13 4.67 11.45 1.20
N GLU A 14 4.27 10.68 0.17
CA GLU A 14 2.87 10.53 -0.21
C GLU A 14 2.58 9.16 -0.72
N PHE A 15 1.38 8.66 -0.44
CA PHE A 15 0.86 7.40 -0.94
C PHE A 15 -0.65 7.51 -0.88
N SER A 16 -1.36 7.24 -1.98
CA SER A 16 -2.82 7.28 -1.94
C SER A 16 -3.48 6.40 -2.98
N ALA A 17 -4.49 5.63 -2.57
CA ALA A 17 -5.28 4.78 -3.45
C ALA A 17 -6.62 5.48 -3.56
N PHE A 18 -7.09 5.68 -4.76
CA PHE A 18 -8.27 6.49 -4.99
C PHE A 18 -9.17 6.03 -6.12
N LEU A 19 -10.38 6.60 -6.16
CA LEU A 19 -11.38 6.42 -7.18
C LEU A 19 -11.78 7.80 -7.65
N GLU A 20 -11.64 8.08 -8.92
CA GLU A 20 -12.02 9.34 -9.50
C GLU A 20 -13.15 9.13 -10.51
N GLN A 21 -14.26 9.85 -10.34
CA GLN A 21 -15.39 9.77 -11.24
C GLN A 21 -15.52 11.06 -12.03
N GLN A 22 -15.52 10.96 -13.36
CA GLN A 22 -15.74 12.10 -14.22
C GLN A 22 -17.26 12.23 -14.42
N GLN A 23 -17.87 13.29 -13.84
CA GLN A 23 -19.31 13.54 -14.01
C GLN A 23 -19.54 14.12 -15.43
N ASP A 24 -18.68 15.04 -15.85
CA ASP A 24 -18.64 15.62 -17.18
C ASP A 24 -17.17 16.02 -17.50
N PRO A 25 -16.81 16.39 -18.75
CA PRO A 25 -15.39 16.70 -19.04
C PRO A 25 -14.71 17.73 -18.11
N ASP A 26 -15.48 18.59 -17.42
CA ASP A 26 -14.90 19.58 -16.51
C ASP A 26 -15.18 19.31 -15.02
N THR A 27 -15.82 18.19 -14.67
CA THR A 27 -16.21 17.91 -13.29
C THR A 27 -15.74 16.55 -12.84
N TYR A 28 -14.95 16.50 -11.76
CA TYR A 28 -14.40 15.25 -11.24
C TYR A 28 -14.62 15.12 -9.76
N ASN A 29 -14.98 13.93 -9.29
CA ASN A 29 -15.13 13.68 -7.86
C ASN A 29 -14.08 12.64 -7.52
N LYS A 30 -13.30 12.85 -6.44
CA LYS A 30 -12.28 11.89 -6.05
C LYS A 30 -12.48 11.41 -4.62
N HIS A 31 -12.48 10.09 -4.42
CA HIS A 31 -12.57 9.52 -3.08
C HIS A 31 -11.25 8.80 -2.75
N LEU A 32 -10.68 9.07 -1.56
CA LEU A 32 -9.45 8.41 -1.13
C LEU A 32 -9.79 7.19 -0.23
N PHE A 33 -9.34 5.98 -0.60
CA PHE A 33 -9.56 4.81 0.23
C PHE A 33 -8.53 4.82 1.37
N VAL A 34 -7.25 5.04 1.01
CA VAL A 34 -6.11 5.13 1.94
C VAL A 34 -5.21 6.30 1.51
N HIS A 35 -4.56 6.96 2.49
CA HIS A 35 -3.73 8.12 2.17
C HIS A 35 -2.70 8.41 3.25
N ILE A 36 -1.48 8.73 2.81
CA ILE A 36 -0.34 9.17 3.61
C ILE A 36 0.18 10.45 2.93
N GLY A 37 0.29 11.55 3.66
CA GLY A 37 0.76 12.80 3.07
C GLY A 37 0.71 13.99 4.00
N GLN A 38 0.72 15.22 3.44
CA GLN A 38 0.63 16.45 4.26
C GLN A 38 -0.80 16.59 4.88
N SER A 39 -1.82 16.13 4.15
CA SER A 39 -3.19 16.14 4.65
C SER A 39 -3.40 15.03 5.71
N SER A 40 -2.60 13.95 5.68
CA SER A 40 -2.68 12.84 6.65
C SER A 40 -1.30 12.51 7.24
N PRO A 41 -0.78 13.40 8.10
CA PRO A 41 0.55 13.17 8.69
C PRO A 41 0.70 11.84 9.41
N SER A 42 1.88 11.24 9.29
CA SER A 42 2.14 9.92 9.87
C SER A 42 2.50 9.98 11.33
N TYR A 43 1.84 9.14 12.13
CA TYR A 43 2.05 9.04 13.57
C TYR A 43 2.21 7.59 13.96
N SER A 44 2.98 7.36 15.01
CA SER A 44 3.17 6.03 15.56
C SER A 44 1.94 5.66 16.41
N ASP A 45 1.81 4.37 16.76
CA ASP A 45 0.72 3.90 17.60
C ASP A 45 1.22 3.98 19.05
N PRO A 46 0.54 4.72 19.92
CA PRO A 46 0.99 4.80 21.33
C PRO A 46 1.04 3.46 22.05
N TYR A 47 0.31 2.44 21.55
CA TYR A 47 0.29 1.12 22.21
C TYR A 47 1.25 0.09 21.64
N LEU A 48 1.84 0.37 20.47
CA LEU A 48 2.75 -0.57 19.81
C LEU A 48 3.71 0.18 18.87
N GLU A 49 5.01 0.21 19.23
CA GLU A 49 6.02 0.91 18.43
C GLU A 49 6.45 0.08 17.23
N ALA A 50 6.67 -1.20 17.46
CA ALA A 50 7.24 -2.10 16.48
C ALA A 50 6.44 -3.39 16.34
N VAL A 51 6.54 -4.00 15.18
CA VAL A 51 5.94 -5.27 14.90
C VAL A 51 7.09 -6.24 14.62
N ASP A 52 7.09 -7.42 15.30
CA ASP A 52 8.11 -8.40 15.01
C ASP A 52 7.74 -9.07 13.67
N ILE A 53 8.73 -9.17 12.78
CA ILE A 53 8.54 -9.73 11.45
C ILE A 53 8.04 -11.18 11.51
N ARG A 54 8.35 -11.93 12.60
CA ARG A 54 7.87 -13.31 12.78
C ARG A 54 6.37 -13.39 12.93
N GLN A 55 5.72 -12.34 13.42
CA GLN A 55 4.28 -12.29 13.59
C GLN A 55 3.55 -12.11 12.24
N ILE A 56 4.27 -11.78 11.14
CA ILE A 56 3.63 -11.53 9.85
C ILE A 56 4.22 -12.36 8.69
N TYR A 57 5.15 -13.31 8.96
CA TYR A 57 5.78 -14.15 7.91
C TYR A 57 4.76 -14.80 6.99
N ASP A 58 3.72 -15.40 7.60
CA ASP A 58 2.65 -16.13 6.93
C ASP A 58 1.68 -15.24 6.14
N LYS A 59 1.75 -13.92 6.30
CA LYS A 59 0.88 -13.00 5.57
C LYS A 59 1.52 -12.39 4.31
N PHE A 60 2.81 -12.62 4.10
CA PHE A 60 3.56 -12.01 3.00
C PHE A 60 4.31 -13.04 2.12
N PRO A 61 4.90 -12.60 0.97
CA PRO A 61 5.62 -13.55 0.11
C PRO A 61 6.76 -14.27 0.81
N GLU A 62 6.87 -15.57 0.57
CA GLU A 62 7.90 -16.39 1.17
C GLU A 62 9.05 -16.66 0.16
N LYS A 63 10.10 -17.40 0.58
CA LYS A 63 11.25 -17.77 -0.28
C LYS A 63 12.08 -16.54 -0.76
N LYS A 64 12.95 -16.71 -1.80
CA LYS A 64 13.84 -15.66 -2.32
C LYS A 64 13.10 -14.42 -2.73
N GLY A 65 13.58 -13.29 -2.25
CA GLY A 65 12.95 -12.01 -2.54
C GLY A 65 11.74 -11.71 -1.67
N GLY A 66 11.34 -12.66 -0.83
CA GLY A 66 10.21 -12.47 0.06
C GLY A 66 10.55 -11.53 1.19
N LEU A 67 9.55 -11.15 2.00
CA LEU A 67 9.75 -10.24 3.13
C LEU A 67 10.91 -10.66 4.08
N LYS A 68 10.85 -11.89 4.65
CA LYS A 68 11.89 -12.40 5.56
C LYS A 68 13.26 -12.34 4.91
N ASP A 69 13.38 -12.84 3.66
CA ASP A 69 14.64 -12.82 2.93
C ASP A 69 15.19 -11.39 2.78
N LEU A 70 14.32 -10.43 2.37
CA LEU A 70 14.68 -9.03 2.18
C LEU A 70 15.13 -8.35 3.48
N PHE A 71 14.39 -8.55 4.58
CA PHE A 71 14.72 -7.94 5.87
C PHE A 71 16.11 -8.34 6.36
N GLU A 72 16.45 -9.65 6.23
CA GLU A 72 17.76 -10.21 6.60
C GLU A 72 18.88 -9.51 5.82
N ARG A 73 18.66 -9.25 4.52
CA ARG A 73 19.65 -8.58 3.71
C ARG A 73 19.80 -7.08 4.06
N GLY A 74 18.72 -6.47 4.52
CA GLY A 74 18.69 -5.09 5.00
C GLY A 74 18.87 -4.02 3.93
N PRO A 75 19.15 -2.76 4.33
CA PRO A 75 19.35 -2.26 5.71
C PRO A 75 18.08 -2.29 6.55
N SER A 76 18.20 -2.51 7.87
CA SER A 76 17.04 -2.60 8.77
C SER A 76 16.20 -1.34 8.79
N ASN A 77 16.84 -0.19 8.61
CA ASN A 77 16.16 1.09 8.68
C ASN A 77 15.28 1.40 7.46
N ALA A 78 15.22 0.49 6.48
CA ALA A 78 14.39 0.65 5.28
C ALA A 78 13.05 -0.13 5.37
N PHE A 79 12.81 -0.87 6.45
CA PHE A 79 11.66 -1.74 6.63
C PHE A 79 10.60 -1.18 7.55
N PHE A 80 9.37 -1.08 7.06
CA PHE A 80 8.27 -0.51 7.83
C PHE A 80 7.00 -1.30 7.61
N LEU A 81 6.08 -1.21 8.58
CA LEU A 81 4.74 -1.76 8.43
C LEU A 81 3.78 -0.58 8.58
N VAL A 82 2.80 -0.51 7.70
CA VAL A 82 1.76 0.52 7.78
C VAL A 82 0.46 -0.19 8.03
N LYS A 83 -0.33 0.25 9.04
CA LYS A 83 -1.65 -0.30 9.19
C LYS A 83 -2.63 0.75 8.66
N PHE A 84 -3.48 0.40 7.70
CA PHE A 84 -4.47 1.33 7.18
C PHE A 84 -5.88 1.00 7.69
N TRP A 85 -6.66 2.01 7.97
CA TRP A 85 -8.08 1.88 8.29
C TRP A 85 -8.67 2.54 7.07
N ALA A 86 -9.05 1.72 6.09
CA ALA A 86 -9.56 2.17 4.82
C ALA A 86 -10.97 2.81 4.87
N ASP A 87 -11.19 3.88 4.07
CA ASP A 87 -12.50 4.52 3.97
C ASP A 87 -13.17 3.96 2.70
N LEU A 88 -14.18 3.13 2.88
CA LEU A 88 -14.94 2.54 1.78
C LEU A 88 -16.29 3.26 1.57
N ASN A 89 -16.54 4.37 2.27
CA ASN A 89 -17.81 5.08 2.22
C ASN A 89 -17.93 6.03 1.01
N THR A 90 -18.20 5.45 -0.17
CA THR A 90 -18.41 6.23 -1.39
C THR A 90 -19.39 5.56 -2.33
N ASN A 91 -20.11 6.36 -3.11
CA ASN A 91 -21.01 5.84 -4.14
C ASN A 91 -20.61 6.41 -5.51
N ILE A 92 -19.34 6.83 -5.69
CA ILE A 92 -18.78 7.45 -6.91
C ILE A 92 -18.64 6.49 -8.10
N GLU A 93 -18.95 5.20 -7.91
CA GLU A 93 -18.90 4.23 -9.00
C GLU A 93 -20.17 4.37 -9.88
N ASP A 94 -21.33 4.53 -9.22
CA ASP A 94 -22.68 4.63 -9.79
C ASP A 94 -22.80 5.41 -11.11
N GLU A 95 -22.35 6.68 -11.15
CA GLU A 95 -22.51 7.48 -12.37
C GLU A 95 -21.18 7.92 -12.97
N GLY A 96 -21.19 8.17 -14.28
CA GLY A 96 -20.03 8.63 -15.02
C GLY A 96 -18.90 7.62 -15.21
N SER A 97 -17.79 8.07 -15.80
CA SER A 97 -16.64 7.23 -16.05
C SER A 97 -15.77 7.19 -14.80
N SER A 98 -15.26 6.01 -14.43
CA SER A 98 -14.44 5.86 -13.24
C SER A 98 -12.98 5.51 -13.51
N PHE A 99 -12.10 5.92 -12.59
CA PHE A 99 -10.69 5.58 -12.65
C PHE A 99 -10.18 5.22 -11.24
N TYR A 100 -9.66 4.00 -11.07
CA TYR A 100 -9.04 3.58 -9.82
C TYR A 100 -7.54 3.63 -10.05
N GLY A 101 -6.86 4.31 -9.16
CA GLY A 101 -5.42 4.41 -9.25
C GLY A 101 -4.74 4.56 -7.93
N VAL A 102 -3.43 4.56 -7.97
CA VAL A 102 -2.60 4.74 -6.80
C VAL A 102 -1.48 5.69 -7.18
N SER A 103 -1.28 6.72 -6.36
CA SER A 103 -0.20 7.67 -6.60
C SER A 103 0.75 7.70 -5.39
N SER A 104 2.05 7.85 -5.63
CA SER A 104 3.02 7.95 -4.55
C SER A 104 4.18 8.89 -4.92
N GLN A 105 4.80 9.47 -3.91
CA GLN A 105 5.85 10.45 -4.11
C GLN A 105 7.03 10.19 -3.16
N TYR A 106 8.25 10.37 -3.66
CA TYR A 106 9.44 10.11 -2.88
C TYR A 106 10.49 11.21 -3.01
N GLU A 107 11.43 11.28 -2.05
CA GLU A 107 12.54 12.23 -2.00
C GLU A 107 13.81 11.46 -1.64
N SER A 108 14.93 11.86 -2.22
CA SER A 108 16.19 11.23 -1.93
C SER A 108 17.30 12.24 -1.99
N PRO A 109 18.35 12.10 -1.15
CA PRO A 109 19.51 13.00 -1.29
C PRO A 109 20.30 12.72 -2.59
N GLU A 110 20.12 11.53 -3.18
CA GLU A 110 20.83 11.06 -4.36
C GLU A 110 19.97 10.93 -5.61
N ASN A 111 20.62 11.04 -6.76
CA ASN A 111 20.00 10.87 -8.07
C ASN A 111 20.15 9.38 -8.44
N MET A 112 19.07 8.62 -8.37
CA MET A 112 19.08 7.19 -8.70
C MET A 112 18.00 6.85 -9.73
N ILE A 113 18.05 5.61 -10.25
CA ILE A 113 17.00 5.03 -11.07
C ILE A 113 16.40 4.04 -10.08
N ILE A 114 15.14 4.24 -9.69
CA ILE A 114 14.50 3.37 -8.72
C ILE A 114 13.49 2.43 -9.37
N THR A 115 13.32 1.26 -8.77
CA THR A 115 12.38 0.26 -9.22
C THR A 115 11.40 0.05 -8.07
N CYS A 116 10.09 0.22 -8.30
CA CYS A 116 9.08 -0.01 -7.28
C CYS A 116 8.33 -1.27 -7.64
N SER A 117 8.40 -2.28 -6.79
CA SER A 117 7.69 -3.53 -7.04
C SER A 117 6.61 -3.67 -5.99
N THR A 118 5.37 -3.80 -6.43
CA THR A 118 4.23 -3.90 -5.52
C THR A 118 3.58 -5.22 -5.66
N LYS A 119 3.51 -5.98 -4.57
CA LYS A 119 2.89 -7.30 -4.58
C LYS A 119 1.63 -7.37 -3.74
N VAL A 120 0.52 -7.73 -4.37
CA VAL A 120 -0.75 -7.89 -3.68
C VAL A 120 -0.81 -9.34 -3.20
N CYS A 121 -1.11 -9.56 -1.93
CA CYS A 121 -1.18 -10.91 -1.38
C CYS A 121 -2.54 -11.27 -0.81
N SER A 122 -3.02 -12.46 -1.17
CA SER A 122 -4.28 -12.97 -0.66
C SER A 122 -3.94 -14.24 0.09
N PHE A 123 -4.21 -14.27 1.38
CA PHE A 123 -3.92 -15.42 2.22
C PHE A 123 -2.42 -15.78 2.23
N GLY A 124 -1.58 -14.75 2.18
CA GLY A 124 -0.14 -14.90 2.15
C GLY A 124 0.46 -15.20 0.78
N LYS A 125 -0.37 -15.49 -0.23
CA LYS A 125 0.13 -15.81 -1.57
C LYS A 125 0.06 -14.64 -2.56
N GLN A 126 1.14 -14.44 -3.35
CA GLN A 126 1.18 -13.35 -4.33
C GLN A 126 0.14 -13.57 -5.43
N VAL A 127 -0.71 -12.58 -5.68
CA VAL A 127 -1.74 -12.70 -6.70
C VAL A 127 -1.57 -11.62 -7.79
N VAL A 128 -1.10 -10.42 -7.41
CA VAL A 128 -0.85 -9.36 -8.37
C VAL A 128 0.56 -8.79 -8.15
N GLU A 129 1.28 -8.47 -9.23
CA GLU A 129 2.58 -7.81 -9.13
C GLU A 129 2.68 -6.72 -10.18
N LYS A 130 3.01 -5.51 -9.74
CA LYS A 130 3.17 -4.36 -10.63
C LYS A 130 4.59 -3.83 -10.42
N VAL A 131 5.35 -3.64 -11.49
CA VAL A 131 6.72 -3.14 -11.39
C VAL A 131 6.87 -1.83 -12.17
N GLU A 132 7.37 -0.78 -11.52
CA GLU A 132 7.50 0.52 -12.14
C GLU A 132 8.90 1.07 -11.99
N THR A 133 9.47 1.65 -13.05
CA THR A 133 10.81 2.24 -12.98
C THR A 133 10.68 3.75 -13.03
N GLU A 134 11.31 4.43 -12.08
CA GLU A 134 11.22 5.88 -12.01
C GLU A 134 12.56 6.60 -12.03
N TYR A 135 12.58 7.78 -12.65
CA TYR A 135 13.76 8.62 -12.71
C TYR A 135 13.57 9.89 -11.84
N ALA A 136 14.67 10.51 -11.45
CA ALA A 136 14.65 11.66 -10.56
C ALA A 136 14.45 12.99 -11.24
N ARG A 137 13.91 13.95 -10.52
CA ARG A 137 13.81 15.32 -10.95
C ARG A 137 14.52 16.12 -9.84
N TYR A 138 15.52 16.93 -10.19
CA TYR A 138 16.21 17.74 -9.20
C TYR A 138 15.25 18.82 -8.65
N GLU A 139 15.18 18.94 -7.32
CA GLU A 139 14.35 19.99 -6.71
C GLU A 139 14.87 20.39 -5.34
N ASN A 140 15.15 21.69 -5.19
CA ASN A 140 15.61 22.31 -3.95
C ASN A 140 16.76 21.55 -3.28
N GLY A 141 17.72 21.08 -4.08
CA GLY A 141 18.87 20.38 -3.52
C GLY A 141 18.76 18.86 -3.43
N HIS A 142 17.53 18.33 -3.44
CA HIS A 142 17.33 16.89 -3.38
C HIS A 142 16.73 16.34 -4.71
N TYR A 143 16.38 15.05 -4.78
CA TYR A 143 15.83 14.46 -5.98
C TYR A 143 14.46 13.92 -5.68
N SER A 144 13.50 14.24 -6.53
CA SER A 144 12.13 13.84 -6.33
C SER A 144 11.71 12.78 -7.32
N TYR A 145 10.86 11.83 -6.87
CA TYR A 145 10.34 10.75 -7.70
C TYR A 145 8.86 10.67 -7.55
N ARG A 146 8.13 10.32 -8.61
CA ARG A 146 6.68 10.22 -8.51
C ARG A 146 6.08 9.12 -9.37
N ILE A 147 5.22 8.32 -8.76
CA ILE A 147 4.46 7.30 -9.47
C ILE A 147 3.07 7.92 -9.52
N HIS A 148 2.74 8.48 -10.65
CA HIS A 148 1.53 9.24 -10.85
C HIS A 148 0.41 8.44 -11.52
N ARG A 149 -0.69 8.21 -10.77
CA ARG A 149 -1.89 7.53 -11.23
C ARG A 149 -1.64 6.19 -11.88
N SER A 150 -0.95 5.31 -11.16
CA SER A 150 -0.67 3.94 -11.57
C SER A 150 -2.02 3.21 -11.49
N PRO A 151 -2.51 2.62 -12.60
CA PRO A 151 -3.86 2.06 -12.59
C PRO A 151 -4.02 0.77 -11.80
N LEU A 152 -5.17 0.62 -11.10
CA LEU A 152 -5.45 -0.63 -10.43
C LEU A 152 -5.98 -1.61 -11.49
N CYS A 153 -5.57 -2.87 -11.40
CA CYS A 153 -6.00 -3.92 -12.31
C CYS A 153 -7.45 -4.35 -11.98
N GLU A 154 -8.04 -5.17 -12.83
CA GLU A 154 -9.40 -5.65 -12.66
C GLU A 154 -9.61 -6.50 -11.43
N TYR A 155 -8.57 -7.20 -10.94
CA TYR A 155 -8.73 -7.99 -9.71
C TYR A 155 -8.82 -7.06 -8.48
N MET A 156 -8.01 -6.00 -8.44
CA MET A 156 -8.07 -5.03 -7.35
C MET A 156 -9.39 -4.24 -7.36
N ILE A 157 -9.93 -3.94 -8.55
CA ILE A 157 -11.19 -3.21 -8.68
C ILE A 157 -12.36 -4.08 -8.24
N ASN A 158 -12.35 -5.33 -8.64
CA ASN A 158 -13.38 -6.29 -8.29
C ASN A 158 -13.38 -6.54 -6.80
N PHE A 159 -12.19 -6.69 -6.20
CA PHE A 159 -12.02 -6.86 -4.76
C PHE A 159 -12.66 -5.69 -3.98
N ILE A 160 -12.33 -4.44 -4.35
CA ILE A 160 -12.89 -3.23 -3.75
C ILE A 160 -14.42 -3.20 -3.88
N HIS A 161 -14.93 -3.44 -5.09
CA HIS A 161 -16.37 -3.46 -5.37
C HIS A 161 -17.14 -4.42 -4.46
N LYS A 162 -16.70 -5.68 -4.37
CA LYS A 162 -17.37 -6.67 -3.54
C LYS A 162 -17.22 -6.36 -2.05
N LEU A 163 -16.05 -5.82 -1.66
CA LEU A 163 -15.74 -5.46 -0.27
C LEU A 163 -16.70 -4.37 0.24
N LYS A 164 -16.87 -3.28 -0.56
CA LYS A 164 -17.76 -2.14 -0.31
C LYS A 164 -19.21 -2.58 -0.16
N HIS A 165 -19.64 -3.61 -0.92
CA HIS A 165 -21.02 -4.05 -0.88
C HIS A 165 -21.32 -5.20 0.10
N LEU A 166 -20.49 -5.36 1.14
CA LEU A 166 -20.76 -6.38 2.17
C LEU A 166 -21.68 -5.73 3.21
N PRO A 167 -22.71 -6.45 3.68
CA PRO A 167 -23.64 -5.85 4.65
C PRO A 167 -23.10 -5.59 6.05
N GLU A 168 -21.94 -6.17 6.39
CA GLU A 168 -21.40 -6.05 7.72
C GLU A 168 -19.92 -5.69 7.76
N LYS A 169 -19.56 -4.87 8.74
CA LYS A 169 -18.19 -4.43 9.01
C LYS A 169 -17.31 -5.62 9.39
N TYR A 170 -17.85 -6.60 10.15
CA TYR A 170 -17.08 -7.79 10.53
C TYR A 170 -16.70 -8.63 9.31
N MET A 171 -17.56 -8.68 8.29
CA MET A 171 -17.26 -9.43 7.09
C MET A 171 -16.15 -8.67 6.32
N MET A 172 -16.26 -7.32 6.22
CA MET A 172 -15.23 -6.50 5.60
C MET A 172 -13.87 -6.71 6.30
N ASN A 173 -13.85 -6.74 7.66
CA ASN A 173 -12.62 -6.95 8.41
C ASN A 173 -12.04 -8.35 8.30
N SER A 174 -12.90 -9.39 8.25
CA SER A 174 -12.36 -10.76 8.09
C SER A 174 -11.77 -10.99 6.68
N VAL A 175 -12.26 -10.24 5.71
CA VAL A 175 -11.74 -10.27 4.36
C VAL A 175 -10.41 -9.50 4.36
N LEU A 176 -10.39 -8.25 4.89
CA LEU A 176 -9.20 -7.38 4.92
C LEU A 176 -7.98 -7.93 5.72
N GLU A 177 -8.20 -8.72 6.79
CA GLU A 177 -7.06 -9.30 7.53
C GLU A 177 -6.31 -10.36 6.71
N ASN A 178 -6.85 -10.78 5.56
CA ASN A 178 -6.20 -11.74 4.67
C ASN A 178 -5.63 -11.09 3.39
N PHE A 179 -5.76 -9.76 3.28
CA PHE A 179 -5.29 -8.95 2.16
C PHE A 179 -4.09 -8.12 2.64
N THR A 180 -2.94 -8.30 1.97
CA THR A 180 -1.75 -7.51 2.31
C THR A 180 -1.07 -7.02 1.02
N ILE A 181 -0.23 -6.01 1.17
CA ILE A 181 0.54 -5.49 0.05
C ILE A 181 1.98 -5.37 0.53
N LEU A 182 2.94 -5.77 -0.30
CA LEU A 182 4.34 -5.60 0.03
C LEU A 182 4.97 -4.74 -1.05
N GLN A 183 5.38 -3.52 -0.68
CA GLN A 183 5.99 -2.57 -1.60
C GLN A 183 7.50 -2.55 -1.39
N VAL A 184 8.30 -2.82 -2.43
CA VAL A 184 9.76 -2.79 -2.32
C VAL A 184 10.33 -1.78 -3.32
N VAL A 185 11.01 -0.77 -2.82
CA VAL A 185 11.66 0.23 -3.68
C VAL A 185 13.16 -0.09 -3.70
N THR A 186 13.74 -0.31 -4.88
CA THR A 186 15.13 -0.70 -5.01
C THR A 186 15.94 0.26 -5.88
N ASN A 187 17.25 0.37 -5.63
CA ASN A 187 18.12 1.13 -6.53
C ASN A 187 18.36 0.15 -7.69
N ARG A 188 17.88 0.46 -8.89
CA ARG A 188 18.00 -0.46 -10.03
C ARG A 188 19.44 -0.90 -10.35
N ASP A 189 20.42 -0.01 -10.21
CA ASP A 189 21.81 -0.35 -10.53
C ASP A 189 22.59 -1.04 -9.39
N THR A 190 22.28 -0.72 -8.14
CA THR A 190 23.02 -1.30 -7.00
C THR A 190 22.29 -2.44 -6.30
N GLN A 191 20.98 -2.56 -6.56
CA GLN A 191 20.08 -3.57 -5.97
C GLN A 191 19.76 -3.33 -4.48
N GLU A 192 20.23 -2.23 -3.91
CA GLU A 192 19.99 -1.91 -2.50
C GLU A 192 18.50 -1.68 -2.27
N THR A 193 17.95 -2.21 -1.15
CA THR A 193 16.55 -1.97 -0.80
C THR A 193 16.52 -0.59 -0.18
N LEU A 194 15.88 0.39 -0.85
CA LEU A 194 15.76 1.76 -0.38
C LEU A 194 14.60 1.88 0.62
N LEU A 195 13.49 1.18 0.36
CA LEU A 195 12.32 1.16 1.25
C LEU A 195 11.57 -0.12 1.02
N CYS A 196 11.04 -0.71 2.08
CA CYS A 196 10.23 -1.90 1.98
C CYS A 196 9.13 -1.71 2.99
N ILE A 197 7.88 -1.69 2.50
CA ILE A 197 6.72 -1.42 3.31
C ILE A 197 5.72 -2.56 3.21
N ALA A 198 5.32 -3.09 4.35
CA ALA A 198 4.33 -4.15 4.45
C ALA A 198 3.05 -3.46 4.87
N TYR A 199 1.96 -3.63 4.14
CA TYR A 199 0.71 -2.97 4.47
C TYR A 199 -0.36 -3.97 4.96
N VAL A 200 -0.99 -3.67 6.07
CA VAL A 200 -2.11 -4.47 6.59
C VAL A 200 -3.34 -3.57 6.69
N PHE A 201 -4.54 -4.18 6.63
CA PHE A 201 -5.76 -3.39 6.50
C PHE A 201 -6.89 -3.76 7.45
N GLU A 202 -7.71 -2.76 7.72
CA GLU A 202 -8.94 -2.82 8.48
C GLU A 202 -9.88 -1.76 7.87
N VAL A 203 -11.19 -1.85 8.16
CA VAL A 203 -12.13 -0.84 7.69
C VAL A 203 -12.19 0.27 8.72
N SER A 204 -12.32 1.51 8.25
CA SER A 204 -12.43 2.66 9.15
C SER A 204 -13.88 2.87 9.53
N ALA A 205 -14.11 3.17 10.81
CA ALA A 205 -15.43 3.54 11.34
C ALA A 205 -15.40 4.97 11.94
N SER A 206 -14.42 5.80 11.56
CA SER A 206 -14.26 7.16 12.09
C SER A 206 -14.97 8.14 11.20
N GLU A 207 -15.57 9.16 11.81
CA GLU A 207 -16.20 10.27 11.07
C GLU A 207 -15.10 11.04 10.26
N HIS A 208 -13.83 11.01 10.77
CA HIS A 208 -12.62 11.57 10.16
C HIS A 208 -12.16 10.76 8.90
N GLY A 209 -12.64 9.51 8.77
CA GLY A 209 -12.37 8.66 7.63
C GLY A 209 -11.14 7.78 7.71
N ALA A 210 -10.44 7.67 6.59
CA ALA A 210 -9.25 6.85 6.47
C ALA A 210 -8.18 7.23 7.51
N GLN A 211 -7.57 6.24 8.17
CA GLN A 211 -6.55 6.49 9.17
C GLN A 211 -5.35 5.56 8.98
N HIS A 212 -4.23 5.83 9.68
CA HIS A 212 -3.07 4.95 9.60
C HIS A 212 -2.09 5.16 10.74
N HIS A 213 -1.23 4.17 10.92
CA HIS A 213 -0.15 4.20 11.88
C HIS A 213 1.03 3.58 11.18
N ILE A 214 2.24 4.02 11.59
CA ILE A 214 3.50 3.51 11.07
C ILE A 214 4.17 2.72 12.18
N TYR A 215 4.60 1.50 11.88
CA TYR A 215 5.29 0.63 12.83
C TYR A 215 6.65 0.30 12.29
N ARG A 216 7.64 0.28 13.17
CA ARG A 216 8.98 -0.15 12.80
C ARG A 216 8.93 -1.71 12.62
N LEU A 217 9.69 -2.26 11.65
CA LEU A 217 9.78 -3.72 11.51
C LEU A 217 11.06 -4.23 12.19
N VAL A 218 10.91 -5.17 13.12
CA VAL A 218 12.05 -5.69 13.88
C VAL A 218 12.10 -7.22 13.90
N LYS A 219 13.25 -7.78 14.28
CA LYS A 219 13.41 -9.22 14.46
C LYS A 219 14.14 -9.36 15.79
N GLU A 220 13.40 -9.59 16.87
CA GLU A 220 14.01 -9.73 18.19
C GLU A 220 13.71 -11.09 18.81
C ACY B 1 -20.89 -17.84 6.17
O ACY B 1 -20.51 -18.33 5.10
CH3 ACY B 1 -21.86 -18.60 7.03
N PHE B 2 -20.53 -16.61 6.61
CA PHE B 2 -19.58 -15.82 5.82
C PHE B 2 -18.22 -16.47 5.83
N SER B 3 -17.67 -16.69 4.61
CA SER B 3 -16.36 -17.30 4.53
C SER B 3 -15.36 -16.31 3.93
N PRO B 4 -14.33 -15.81 4.65
CA PRO B 4 -13.33 -14.93 4.04
C PRO B 4 -12.57 -15.65 2.94
C1 NAL B 5 -11.39 -20.80 0.66
C2 NAL B 5 -10.65 -19.99 1.52
C3 NAL B 5 -9.27 -19.82 1.31
C4 NAL B 5 -8.64 -20.48 0.24
C4A NAL B 5 -9.39 -21.28 -0.62
C5 NAL B 5 -8.78 -21.95 -1.69
C6 NAL B 5 -9.53 -22.74 -2.57
C7 NAL B 5 -10.91 -22.88 -2.38
C8 NAL B 5 -11.52 -22.20 -1.32
C8A NAL B 5 -10.78 -21.42 -0.43
C9 NAL B 5 -11.35 -19.22 2.63
CA NAL B 5 -11.61 -17.78 2.12
C NAL B 5 -12.45 -17.80 0.86
N NAL B 5 -12.31 -16.98 3.11
O NAL B 5 -11.88 -17.52 -0.18
N ASP B 6 -13.78 -18.10 0.91
CA ASP B 6 -14.60 -18.10 -0.31
C ASP B 6 -14.62 -16.77 -1.02
N PHE B 7 -14.64 -15.63 -0.26
CA PHE B 7 -14.69 -14.28 -0.81
C PHE B 7 -13.45 -14.05 -1.65
N HIS B 8 -12.24 -14.37 -1.13
CA HIS B 8 -10.98 -14.15 -1.84
C HIS B 8 -10.88 -15.18 -2.95
N T79 B 9 -11.55 -16.36 -2.83
O T79 B 9 -11.82 -17.03 -6.17
C T79 B 9 -12.33 -16.85 -5.08
CA T79 B 9 -11.50 -17.35 -3.90
CB T79 B 9 -11.94 -18.77 -3.48
CG T79 B 9 -11.37 -19.74 -4.41
CD1 T79 B 9 -10.86 -20.53 -5.17
CE1 T79 B 9 -10.18 -21.49 -6.03
N ASP B 10 -13.51 -16.18 -4.94
CA ASP B 10 -14.20 -15.74 -6.17
C ASP B 10 -13.43 -14.59 -6.80
N ILE B 11 -12.25 -14.16 -6.31
CA ILE B 11 -11.53 -13.10 -7.00
C ILE B 11 -10.26 -13.72 -7.56
C1 NAL B 12 -7.47 -12.46 -4.67
C2 NAL B 12 -7.11 -13.16 -5.82
C3 NAL B 12 -6.64 -12.46 -6.94
C4 NAL B 12 -6.44 -11.08 -6.87
C4A NAL B 12 -6.77 -10.38 -5.70
C5 NAL B 12 -6.61 -8.99 -5.65
C6 NAL B 12 -6.94 -8.29 -4.48
C7 NAL B 12 -7.45 -8.98 -3.38
C8 NAL B 12 -7.64 -10.37 -3.43
C8A NAL B 12 -7.30 -11.08 -4.60
C9 NAL B 12 -7.28 -14.68 -5.91
CA NAL B 12 -8.20 -14.99 -7.12
C NAL B 12 -8.09 -16.45 -7.45
N NAL B 12 -9.51 -14.48 -6.73
O NAL B 12 -6.94 -16.83 -7.62
N CYS B 13 -9.18 -17.25 -7.50
CA CYS B 13 -9.10 -18.70 -7.79
C CYS B 13 -8.37 -19.01 -9.08
N ASP B 14 -8.63 -18.26 -10.17
CA ASP B 14 -7.93 -18.53 -11.44
C ASP B 14 -6.53 -17.95 -11.44
N VAL B 15 -6.24 -16.94 -10.60
CA VAL B 15 -4.93 -16.30 -10.55
C VAL B 15 -3.99 -17.13 -9.71
C1 NAL B 16 -6.21 -19.37 -5.13
C2 NAL B 16 -5.02 -18.91 -5.69
C3 NAL B 16 -4.38 -17.80 -5.13
C4 NAL B 16 -4.94 -17.15 -4.02
C4A NAL B 16 -6.13 -17.62 -3.46
C5 NAL B 16 -6.69 -17.00 -2.35
C6 NAL B 16 -7.87 -17.47 -1.79
C7 NAL B 16 -8.50 -18.59 -2.34
C8 NAL B 16 -7.96 -19.21 -3.46
C8A NAL B 16 -6.78 -18.73 -4.03
C9 NAL B 16 -4.43 -19.62 -6.92
CA NAL B 16 -3.59 -18.67 -7.84
C NAL B 16 -2.74 -19.54 -8.74
N NAL B 16 -4.47 -17.85 -8.66
O NAL B 16 -3.30 -20.30 -9.51
N ARG B 17 -1.40 -19.35 -8.71
CA ARG B 17 -0.56 -20.17 -9.58
C ARG B 17 0.62 -20.68 -8.76
O1 GOL C . 6.47 9.33 5.45
C1 GOL D . -2.00 -3.72 14.89
O1 GOL D . -1.78 -3.23 16.20
C2 GOL D . -0.75 -4.32 14.31
O2 GOL D . 0.06 -3.28 13.78
C3 GOL D . -1.04 -5.32 13.20
O3 GOL D . 0.13 -6.08 12.89
C1 MYR E . -1.24 -2.65 -9.76
O1 MYR E . -1.76 -3.71 -9.42
C2 MYR E . -1.27 -1.48 -8.81
C3 MYR E . -0.79 -1.83 -7.37
C4 MYR E . -1.74 -2.78 -6.59
C5 MYR E . -2.40 -2.15 -5.34
C6 MYR E . -1.62 -0.93 -4.79
C7 MYR E . -2.21 -0.41 -3.44
C8 MYR E . -3.75 -0.63 -3.35
C9 MYR E . -4.29 -0.01 -2.03
C10 MYR E . -5.58 -0.73 -1.56
C11 MYR E . -6.85 0.17 -1.67
C12 MYR E . -7.78 -0.02 -0.44
C13 MYR E . -8.42 -1.43 -0.37
C14 MYR E . -9.21 -1.63 0.94
#